data_9H8M
#
_entry.id   9H8M
#
_cell.length_a   45.817
_cell.length_b   92.831
_cell.length_c   98.164
_cell.angle_alpha   90.00
_cell.angle_beta   90.00
_cell.angle_gamma   90.00
#
_symmetry.space_group_name_H-M   'P 21 21 21'
#
loop_
_entity.id
_entity.type
_entity.pdbx_description
1 polymer 'FAD-dependent monooxygenase sorC'
2 non-polymer 'FLAVIN-ADENINE DINUCLEOTIDE'
3 non-polymer DI(HYDROXYETHYL)ETHER
4 water water
#
_entity_poly.entity_id   1
_entity_poly.type   'polypeptide(L)'
_entity_poly.pdbx_seq_one_letter_code
;MTRSANSPFEVAIVGGGITGLALAVGLLKRNVSFTIYERAENFGELGVGITFTPNAQRAMEALDPCVLQSFTNVASAPSG
GTINFVDGVREQGSEDPRTSTAALLFQLHVKGGYKACRRCDFVDQIVQHIPKDCVQYRKWLDSIETDHESGRAVLKFRDG
EIAHADVVIGCDGIRSQVRASMFGTDELCPRAQYSHQLGYRGMVPLAQATAVLGPEKTSSAVLHTGPGAFVLTIPLAEVH
AMHIEAFIMDKEEWPEVQTSSDSKRYVLPATRNEATKAFAEFGPTVRSAVSMFPEKLEKWAVFDMLEAPVPTFAKGRVCL
AGDAAHASTPNQGGGAGFGIEDALVLAEVLAVLAEAPNVSGIVASEALAVYSEVRYERSQWLVRSSRRTGELCTWKDRDW
GLAAEELSRDIISRSHQLWDHDTAGMVSDALAILGERVRGADTAF
;
_entity_poly.pdbx_strand_id   A
#
# COMPACT_ATOMS: atom_id res chain seq x y z
N PRO A 8 -26.84 -9.82 18.65
CA PRO A 8 -26.50 -9.37 17.30
C PRO A 8 -25.00 -9.59 17.10
N PHE A 9 -24.55 -9.82 15.87
CA PHE A 9 -23.12 -9.97 15.60
C PHE A 9 -22.60 -8.62 15.09
N GLU A 10 -21.61 -8.04 15.79
CA GLU A 10 -21.16 -6.69 15.52
C GLU A 10 -19.66 -6.69 15.22
N VAL A 11 -19.28 -6.09 14.07
CA VAL A 11 -17.91 -5.90 13.67
C VAL A 11 -17.47 -4.49 13.96
N ALA A 12 -16.40 -4.32 14.76
CA ALA A 12 -15.81 -3.02 14.93
C ALA A 12 -14.60 -2.90 13.99
N ILE A 13 -14.62 -1.91 13.12
CA ILE A 13 -13.49 -1.61 12.25
C ILE A 13 -12.80 -0.39 12.87
N VAL A 14 -11.55 -0.57 13.27
CA VAL A 14 -10.77 0.56 13.84
C VAL A 14 -9.93 1.17 12.72
N GLY A 15 -10.29 2.37 12.31
CA GLY A 15 -9.54 3.06 11.25
C GLY A 15 -10.27 3.08 9.93
N GLY A 16 -10.46 4.28 9.40
CA GLY A 16 -11.13 4.44 8.11
C GLY A 16 -10.17 4.80 6.99
N GLY A 17 -9.08 4.07 6.88
CA GLY A 17 -8.21 4.25 5.72
C GLY A 17 -8.71 3.39 4.57
N ILE A 18 -7.87 3.16 3.58
CA ILE A 18 -8.30 2.40 2.44
C ILE A 18 -8.74 1.01 2.88
N THR A 19 -7.99 0.34 3.78
CA THR A 19 -8.32 -0.99 4.17
C THR A 19 -9.69 -1.02 4.87
N GLY A 20 -9.86 -0.18 5.88
CA GLY A 20 -11.09 -0.19 6.65
C GLY A 20 -12.32 0.20 5.83
N LEU A 21 -12.15 1.17 4.96
CA LEU A 21 -13.28 1.59 4.12
C LEU A 21 -13.66 0.53 3.11
N ALA A 22 -12.64 -0.11 2.51
CA ALA A 22 -12.95 -1.19 1.59
C ALA A 22 -13.71 -2.31 2.29
N LEU A 23 -13.22 -2.74 3.47
CA LEU A 23 -13.88 -3.76 4.26
C LEU A 23 -15.32 -3.37 4.59
N ALA A 24 -15.50 -2.11 5.01
CA ALA A 24 -16.83 -1.64 5.37
C ALA A 24 -17.79 -1.81 4.20
N VAL A 25 -17.37 -1.43 2.97
CA VAL A 25 -18.28 -1.63 1.85
C VAL A 25 -18.55 -3.12 1.64
N GLY A 26 -17.52 -3.99 1.76
CA GLY A 26 -17.71 -5.42 1.60
C GLY A 26 -18.72 -5.99 2.59
N LEU A 27 -18.67 -5.49 3.83
CA LEU A 27 -19.61 -5.90 4.86
C LEU A 27 -21.02 -5.37 4.60
N LEU A 28 -21.12 -4.09 4.24
CA LEU A 28 -22.40 -3.49 3.88
C LEU A 28 -23.11 -4.33 2.83
N LYS A 29 -22.37 -4.71 1.80
CA LYS A 29 -22.99 -5.45 0.67
C LYS A 29 -23.28 -6.91 1.01
N ARG A 30 -22.80 -7.39 2.16
CA ARG A 30 -23.03 -8.78 2.62
C ARG A 30 -23.98 -8.74 3.84
N ASN A 31 -24.48 -7.57 4.15
CA ASN A 31 -25.48 -7.42 5.25
C ASN A 31 -24.87 -7.81 6.60
N VAL A 32 -23.61 -7.47 6.80
CA VAL A 32 -22.98 -7.66 8.11
C VAL A 32 -22.97 -6.32 8.84
N SER A 33 -23.36 -6.31 10.12
CA SER A 33 -23.36 -5.13 10.94
C SER A 33 -21.93 -4.75 11.30
N PHE A 34 -21.65 -3.48 11.13
CA PHE A 34 -20.34 -2.98 11.51
C PHE A 34 -20.46 -1.52 11.89
N THR A 35 -19.42 -1.04 12.58
CA THR A 35 -19.19 0.37 12.90
C THR A 35 -17.71 0.63 12.60
N ILE A 36 -17.44 1.77 11.97
CA ILE A 36 -16.05 2.24 11.78
C ILE A 36 -15.75 3.26 12.90
N TYR A 37 -14.69 3.03 13.63
CA TYR A 37 -14.25 4.02 14.67
C TYR A 37 -13.00 4.70 14.13
N GLU A 38 -13.09 5.99 13.88
CA GLU A 38 -11.97 6.76 13.30
C GLU A 38 -11.53 7.84 14.32
N ARG A 39 -10.23 7.93 14.55
CA ARG A 39 -9.72 8.90 15.55
C ARG A 39 -9.91 10.35 15.08
N ALA A 40 -9.81 10.61 13.79
CA ALA A 40 -9.88 11.98 13.26
C ALA A 40 -11.32 12.47 13.16
N GLU A 41 -11.47 13.76 12.92
CA GLU A 41 -12.82 14.39 12.81
C GLU A 41 -13.43 14.05 11.46
N ASN A 42 -12.61 13.65 10.50
CA ASN A 42 -13.02 13.27 9.18
C ASN A 42 -11.84 12.45 8.64
N PHE A 43 -11.95 11.98 7.40
CA PHE A 43 -10.89 11.17 6.82
C PHE A 43 -9.80 12.00 6.15
N GLY A 44 -9.87 13.33 6.28
CA GLY A 44 -8.76 14.18 5.93
C GLY A 44 -8.68 14.46 4.44
N GLU A 45 -7.47 14.78 3.96
CA GLU A 45 -7.27 15.05 2.54
C GLU A 45 -5.85 14.72 2.09
N LEU A 46 -5.25 13.64 2.61
CA LEU A 46 -3.90 13.27 2.18
C LEU A 46 -3.85 12.92 0.67
N GLY A 47 -2.99 13.60 -0.06
CA GLY A 47 -3.13 13.59 -1.51
C GLY A 47 -2.24 12.56 -2.19
N VAL A 48 -1.51 11.79 -1.35
CA VAL A 48 -0.46 10.93 -1.88
C VAL A 48 -1.04 10.00 -2.93
N GLY A 49 -0.18 9.67 -3.88
CA GLY A 49 -0.57 8.83 -4.99
C GLY A 49 -0.31 7.38 -4.62
N ILE A 50 -1.27 6.54 -4.90
CA ILE A 50 -1.16 5.11 -4.65
C ILE A 50 -1.43 4.42 -5.98
N THR A 51 -0.55 3.49 -6.35
CA THR A 51 -0.73 2.69 -7.52
C THR A 51 -1.28 1.33 -7.12
N PHE A 52 -2.37 0.91 -7.75
CA PHE A 52 -3.03 -0.36 -7.49
C PHE A 52 -2.86 -1.31 -8.67
N THR A 53 -2.46 -2.53 -8.34
CA THR A 53 -2.07 -3.52 -9.32
C THR A 53 -3.27 -4.38 -9.68
N PRO A 54 -3.14 -5.33 -10.62
CA PRO A 54 -4.30 -6.10 -11.05
C PRO A 54 -4.99 -6.92 -9.99
N ASN A 55 -4.17 -7.53 -9.13
CA ASN A 55 -4.66 -8.38 -8.06
C ASN A 55 -5.51 -7.56 -7.11
N ALA A 56 -5.08 -6.33 -6.88
CA ALA A 56 -5.83 -5.43 -6.01
C ALA A 56 -7.15 -5.02 -6.63
N GLN A 57 -7.16 -4.78 -7.92
CA GLN A 57 -8.40 -4.37 -8.63
C GLN A 57 -9.40 -5.55 -8.60
N ARG A 58 -8.91 -6.78 -8.79
CA ARG A 58 -9.81 -7.95 -8.71
C ARG A 58 -10.41 -8.06 -7.30
N ALA A 59 -9.63 -7.80 -6.26
CA ALA A 59 -10.13 -7.92 -4.87
C ALA A 59 -11.17 -6.83 -4.63
N MET A 60 -10.97 -5.65 -5.23
CA MET A 60 -11.94 -4.54 -5.10
C MET A 60 -13.28 -4.99 -5.67
N GLU A 61 -13.25 -5.54 -6.88
CA GLU A 61 -14.47 -5.97 -7.55
C GLU A 61 -15.19 -7.04 -6.72
N ALA A 62 -14.41 -7.98 -6.18
CA ALA A 62 -14.95 -9.07 -5.38
C ALA A 62 -15.56 -8.58 -4.07
N LEU A 63 -14.99 -7.52 -3.48
CA LEU A 63 -15.67 -6.90 -2.35
C LEU A 63 -17.06 -6.42 -2.77
N ASP A 64 -17.08 -5.59 -3.81
CA ASP A 64 -18.28 -5.15 -4.51
C ASP A 64 -17.89 -4.39 -5.76
N PRO A 65 -18.66 -4.48 -6.86
CA PRO A 65 -18.33 -3.65 -8.02
C PRO A 65 -18.23 -2.15 -7.72
N CYS A 66 -18.94 -1.62 -6.72
CA CYS A 66 -18.84 -0.21 -6.42
C CYS A 66 -17.47 0.18 -5.84
N VAL A 67 -16.71 -0.76 -5.29
CA VAL A 67 -15.37 -0.47 -4.80
C VAL A 67 -14.44 -0.24 -5.99
N LEU A 68 -14.54 -1.12 -6.98
CA LEU A 68 -13.73 -0.96 -8.16
C LEU A 68 -14.16 0.29 -8.92
N GLN A 69 -15.48 0.53 -8.99
CA GLN A 69 -15.94 1.74 -9.66
C GLN A 69 -15.46 3.01 -8.96
N SER A 70 -15.47 3.02 -7.61
CA SER A 70 -14.92 4.14 -6.85
C SER A 70 -13.48 4.44 -7.28
N PHE A 71 -12.71 3.38 -7.50
CA PHE A 71 -11.34 3.50 -7.91
C PHE A 71 -11.20 3.98 -9.36
N THR A 72 -11.89 3.31 -10.28
CA THR A 72 -11.73 3.67 -11.69
C THR A 72 -12.23 5.10 -11.94
N ASN A 73 -13.16 5.59 -11.13
CA ASN A 73 -13.67 6.96 -11.29
C ASN A 73 -12.61 8.04 -11.07
N VAL A 74 -11.52 7.71 -10.35
CA VAL A 74 -10.53 8.70 -9.96
C VAL A 74 -9.12 8.31 -10.37
N ALA A 75 -8.96 7.16 -11.02
CA ALA A 75 -7.64 6.65 -11.35
C ALA A 75 -7.20 7.05 -12.76
N SER A 76 -5.88 7.11 -12.92
CA SER A 76 -5.23 7.42 -14.19
C SER A 76 -4.14 6.38 -14.51
N ALA A 77 -3.72 6.34 -15.77
CA ALA A 77 -2.74 5.37 -16.22
C ALA A 77 -2.07 5.81 -17.51
N PRO A 78 -0.93 5.21 -17.86
CA PRO A 78 -0.42 5.35 -19.21
C PRO A 78 -1.27 4.49 -20.14
N SER A 79 -1.02 4.72 -21.39
CA SER A 79 -1.58 3.87 -22.44
C SER A 79 -0.96 2.46 -22.35
N GLY A 80 -1.80 1.46 -22.15
CA GLY A 80 -1.37 0.08 -22.00
C GLY A 80 -0.60 -0.23 -20.73
N GLY A 81 -0.20 -1.49 -20.54
CA GLY A 81 0.37 -2.00 -19.31
C GLY A 81 1.83 -2.42 -19.43
N THR A 82 2.56 -1.88 -20.40
CA THR A 82 3.97 -2.23 -20.54
C THR A 82 4.82 -1.19 -19.82
N ILE A 83 5.77 -1.65 -18.96
CA ILE A 83 6.74 -0.77 -18.31
C ILE A 83 8.10 -1.13 -18.86
N ASN A 84 8.84 -0.12 -19.33
CA ASN A 84 10.20 -0.35 -19.82
C ASN A 84 11.16 -0.20 -18.65
N PHE A 85 11.95 -1.22 -18.36
CA PHE A 85 13.06 -1.16 -17.41
C PHE A 85 14.33 -0.80 -18.17
N VAL A 86 14.97 0.30 -17.79
CA VAL A 86 16.17 0.79 -18.46
C VAL A 86 17.31 0.91 -17.44
N ASP A 87 18.51 1.03 -18.00
CA ASP A 87 19.73 1.38 -17.26
C ASP A 87 19.83 2.90 -17.28
N GLY A 88 19.56 3.60 -16.18
CA GLY A 88 19.50 5.04 -16.11
C GLY A 88 20.88 5.70 -16.27
N VAL A 89 21.93 4.89 -16.10
CA VAL A 89 23.29 5.42 -16.18
C VAL A 89 23.80 5.39 -17.62
N ARG A 90 23.60 4.27 -18.32
CA ARG A 90 24.24 4.06 -19.60
C ARG A 90 23.35 4.35 -20.80
N GLU A 91 22.53 5.38 -20.65
CA GLU A 91 21.80 5.93 -21.82
C GLU A 91 22.92 6.37 -22.77
N GLN A 92 22.69 6.24 -24.06
CA GLN A 92 23.81 6.55 -24.98
C GLN A 92 23.43 7.54 -26.09
N GLY A 93 24.44 8.20 -26.67
CA GLY A 93 24.19 9.01 -27.88
C GLY A 93 24.30 10.50 -27.76
N SER A 94 23.85 11.09 -26.66
CA SER A 94 23.82 12.56 -26.56
C SER A 94 23.59 12.97 -25.12
N GLU A 95 23.80 14.24 -24.81
CA GLU A 95 23.48 14.73 -23.45
C GLU A 95 22.06 15.27 -23.53
N ASP A 96 21.53 15.38 -24.75
CA ASP A 96 20.13 15.83 -24.94
C ASP A 96 19.26 14.58 -24.97
N PRO A 97 18.39 14.39 -23.98
CA PRO A 97 17.50 13.25 -24.03
C PRO A 97 16.66 13.14 -25.30
N ARG A 98 16.38 14.26 -25.99
CA ARG A 98 15.54 14.19 -27.17
C ARG A 98 16.18 13.37 -28.29
N THR A 99 17.51 13.23 -28.28
CA THR A 99 18.20 12.48 -29.34
C THR A 99 19.02 11.30 -28.82
N SER A 100 19.01 11.06 -27.50
CA SER A 100 19.73 9.93 -26.92
C SER A 100 18.96 8.63 -27.15
N THR A 101 19.60 7.50 -26.88
CA THR A 101 18.99 6.18 -26.94
C THR A 101 18.90 5.64 -25.51
N ALA A 102 17.68 5.40 -25.00
CA ALA A 102 17.52 4.79 -23.69
C ALA A 102 18.17 3.42 -23.71
N ALA A 103 18.82 3.02 -22.60
CA ALA A 103 19.45 1.72 -22.51
C ALA A 103 18.48 0.67 -21.98
N LEU A 104 17.71 0.06 -22.86
CA LEU A 104 16.60 -0.80 -22.48
C LEU A 104 17.13 -2.12 -21.94
N LEU A 105 16.67 -2.55 -20.76
CA LEU A 105 16.99 -3.85 -20.21
C LEU A 105 15.95 -4.91 -20.54
N PHE A 106 14.68 -4.58 -20.32
CA PHE A 106 13.62 -5.52 -20.64
C PHE A 106 12.29 -4.80 -20.45
N GLN A 107 11.20 -5.41 -20.93
CA GLN A 107 9.87 -4.84 -20.74
C GLN A 107 9.06 -5.73 -19.80
N LEU A 108 8.32 -5.11 -18.88
CA LEU A 108 7.46 -5.80 -17.95
C LEU A 108 6.05 -5.50 -18.40
N HIS A 109 5.33 -6.51 -18.82
CA HIS A 109 3.95 -6.30 -19.20
C HIS A 109 3.02 -6.66 -18.07
N VAL A 110 2.15 -5.72 -17.68
CA VAL A 110 1.26 -5.95 -16.55
C VAL A 110 -0.10 -6.38 -17.04
N LYS A 111 -0.38 -7.67 -16.92
CA LYS A 111 -1.66 -8.19 -17.39
C LYS A 111 -2.81 -7.62 -16.55
N GLY A 112 -3.74 -6.96 -17.22
CA GLY A 112 -4.86 -6.36 -16.50
C GLY A 112 -4.60 -4.89 -16.13
N GLY A 113 -3.35 -4.45 -16.27
CA GLY A 113 -2.94 -3.09 -16.13
C GLY A 113 -2.87 -2.65 -14.66
N TYR A 114 -2.35 -1.44 -14.51
CA TYR A 114 -2.28 -0.82 -13.20
C TYR A 114 -2.76 0.62 -13.34
N LYS A 115 -3.21 1.20 -12.24
CA LYS A 115 -3.63 2.58 -12.30
C LYS A 115 -3.24 3.25 -11.01
N ALA A 116 -3.13 4.58 -11.03
CA ALA A 116 -2.83 5.30 -9.83
C ALA A 116 -3.90 6.31 -9.52
N CYS A 117 -4.06 6.61 -8.24
CA CYS A 117 -5.00 7.68 -7.86
C CYS A 117 -4.47 8.45 -6.66
N ARG A 118 -5.08 9.59 -6.38
CA ARG A 118 -4.75 10.30 -5.13
C ARG A 118 -5.56 9.59 -4.04
N ARG A 119 -4.91 9.32 -2.92
CA ARG A 119 -5.60 8.60 -1.81
C ARG A 119 -6.92 9.27 -1.42
N CYS A 120 -6.91 10.60 -1.24
CA CYS A 120 -8.13 11.33 -0.81
C CYS A 120 -9.27 11.18 -1.85
N ASP A 121 -8.94 11.08 -3.13
CA ASP A 121 -9.99 10.94 -4.17
C ASP A 121 -10.66 9.57 -4.05
N PHE A 122 -9.85 8.54 -3.85
CA PHE A 122 -10.42 7.21 -3.67
C PHE A 122 -11.23 7.16 -2.38
N VAL A 123 -10.67 7.69 -1.28
CA VAL A 123 -11.42 7.77 -0.03
C VAL A 123 -12.78 8.44 -0.22
N ASP A 124 -12.77 9.58 -0.90
CA ASP A 124 -13.98 10.36 -1.10
C ASP A 124 -15.00 9.56 -1.91
N GLN A 125 -14.56 8.81 -2.91
CA GLN A 125 -15.51 7.99 -3.64
C GLN A 125 -16.08 6.87 -2.77
N ILE A 126 -15.23 6.15 -2.03
CA ILE A 126 -15.67 4.99 -1.26
C ILE A 126 -16.67 5.42 -0.20
N VAL A 127 -16.38 6.55 0.47
CA VAL A 127 -17.19 6.97 1.61
C VAL A 127 -18.62 7.27 1.18
N GLN A 128 -18.82 7.66 -0.07
CA GLN A 128 -20.18 7.85 -0.59
C GLN A 128 -21.04 6.61 -0.40
N HIS A 129 -20.46 5.42 -0.39
CA HIS A 129 -21.21 4.18 -0.33
C HIS A 129 -21.46 3.70 1.10
N ILE A 130 -20.92 4.39 2.10
CA ILE A 130 -21.07 3.97 3.48
C ILE A 130 -22.08 4.89 4.17
N PRO A 131 -23.13 4.37 4.81
CA PRO A 131 -24.06 5.24 5.55
C PRO A 131 -23.31 6.02 6.61
N LYS A 132 -23.74 7.27 6.81
CA LYS A 132 -23.19 8.11 7.85
C LYS A 132 -23.32 7.52 9.25
N ASP A 133 -24.38 6.75 9.51
CA ASP A 133 -24.64 6.19 10.83
C ASP A 133 -23.79 4.95 11.10
N CYS A 134 -22.86 4.62 10.17
CA CYS A 134 -21.95 3.53 10.39
C CYS A 134 -20.53 4.00 10.73
N VAL A 135 -20.33 5.33 10.75
CA VAL A 135 -19.00 5.90 10.97
C VAL A 135 -19.06 6.81 12.19
N GLN A 136 -18.19 6.54 13.15
CA GLN A 136 -18.05 7.43 14.31
C GLN A 136 -16.65 8.03 14.31
N TYR A 137 -16.60 9.35 14.09
CA TYR A 137 -15.40 10.14 14.15
C TYR A 137 -15.05 10.49 15.60
N ARG A 138 -13.83 11.01 15.75
CA ARG A 138 -13.33 11.33 17.07
C ARG A 138 -13.38 10.17 18.07
N LYS A 139 -13.11 8.95 17.56
CA LYS A 139 -13.06 7.73 18.32
C LYS A 139 -11.67 7.16 18.16
N TRP A 140 -10.80 7.64 19.05
CA TRP A 140 -9.38 7.35 18.99
C TRP A 140 -9.16 6.17 19.88
N LEU A 141 -9.06 4.95 19.33
CA LEU A 141 -8.98 3.75 20.12
C LEU A 141 -7.67 3.76 20.94
N ASP A 142 -7.82 3.51 22.25
CA ASP A 142 -6.68 3.49 23.14
C ASP A 142 -6.40 2.10 23.66
N SER A 143 -7.44 1.37 24.07
CA SER A 143 -7.31 0.01 24.54
C SER A 143 -8.52 -0.88 24.19
N ILE A 144 -8.28 -2.17 24.28
CA ILE A 144 -9.25 -3.23 24.10
C ILE A 144 -9.19 -4.18 25.27
N GLU A 145 -10.36 -4.37 25.87
CA GLU A 145 -10.48 -5.24 27.00
C GLU A 145 -11.61 -6.22 26.69
N THR A 146 -11.81 -7.15 27.61
CA THR A 146 -12.82 -8.18 27.48
C THR A 146 -13.90 -7.96 28.53
N ASP A 147 -15.18 -8.00 28.13
CA ASP A 147 -16.28 -7.74 29.05
C ASP A 147 -16.47 -8.94 29.98
N HIS A 148 -16.54 -8.66 31.29
CA HIS A 148 -16.60 -9.69 32.32
C HIS A 148 -17.84 -10.55 32.17
N GLU A 149 -18.99 -9.95 31.85
CA GLU A 149 -20.25 -10.67 31.74
C GLU A 149 -20.32 -11.45 30.43
N SER A 150 -20.10 -10.78 29.28
CA SER A 150 -20.39 -11.34 27.96
C SER A 150 -19.19 -12.04 27.32
N GLY A 151 -17.97 -11.59 27.66
CA GLY A 151 -16.75 -12.04 27.00
C GLY A 151 -16.50 -11.33 25.67
N ARG A 152 -17.37 -10.38 25.32
CA ARG A 152 -17.21 -9.63 24.08
C ARG A 152 -16.08 -8.61 24.23
N ALA A 153 -15.55 -8.13 23.10
CA ALA A 153 -14.58 -7.06 23.13
C ALA A 153 -15.22 -5.77 23.59
N VAL A 154 -14.48 -5.06 24.45
CA VAL A 154 -14.75 -3.68 24.81
C VAL A 154 -13.65 -2.78 24.29
N LEU A 155 -14.02 -1.85 23.41
CA LEU A 155 -13.16 -0.82 22.88
C LEU A 155 -13.23 0.38 23.80
N LYS A 156 -12.07 0.98 24.13
CA LYS A 156 -12.01 2.20 24.94
C LYS A 156 -11.23 3.28 24.21
N PHE A 157 -11.85 4.41 24.09
CA PHE A 157 -11.37 5.50 23.28
C PHE A 157 -10.84 6.58 24.21
N ARG A 158 -10.04 7.47 23.65
CA ARG A 158 -9.41 8.51 24.43
C ARG A 158 -10.47 9.50 24.92
N ASP A 159 -11.63 9.61 24.27
CA ASP A 159 -12.70 10.51 24.72
C ASP A 159 -13.35 10.01 26.01
N GLY A 160 -12.92 8.85 26.53
CA GLY A 160 -13.46 8.27 27.75
C GLY A 160 -14.66 7.35 27.54
N GLU A 161 -15.14 7.22 26.29
CA GLU A 161 -16.29 6.35 26.01
C GLU A 161 -15.84 4.95 25.61
N ILE A 162 -16.78 4.00 25.58
CA ILE A 162 -16.53 2.62 25.21
C ILE A 162 -17.53 2.17 24.15
N ALA A 163 -17.19 1.06 23.50
CA ALA A 163 -18.08 0.37 22.57
C ALA A 163 -17.85 -1.12 22.74
N HIS A 164 -18.81 -1.92 22.28
CA HIS A 164 -18.80 -3.37 22.34
C HIS A 164 -18.82 -3.96 20.93
N ALA A 165 -18.15 -5.09 20.76
CA ALA A 165 -18.14 -5.79 19.47
C ALA A 165 -17.82 -7.26 19.66
N ASP A 166 -18.13 -8.07 18.64
CA ASP A 166 -17.81 -9.47 18.62
C ASP A 166 -16.41 -9.71 18.07
N VAL A 167 -16.02 -8.85 17.11
CA VAL A 167 -14.65 -8.90 16.59
C VAL A 167 -14.19 -7.47 16.36
N VAL A 168 -12.86 -7.27 16.46
CA VAL A 168 -12.24 -5.97 16.29
C VAL A 168 -11.24 -6.10 15.15
N ILE A 169 -11.37 -5.25 14.12
CA ILE A 169 -10.48 -5.32 12.97
C ILE A 169 -9.62 -4.09 12.99
N GLY A 170 -8.33 -4.27 13.28
CA GLY A 170 -7.39 -3.19 13.30
C GLY A 170 -6.97 -2.79 11.89
N CYS A 171 -7.60 -1.76 11.36
CA CYS A 171 -7.28 -1.18 10.06
C CYS A 171 -6.67 0.19 10.30
N ASP A 172 -5.91 0.32 11.41
CA ASP A 172 -5.50 1.62 11.93
C ASP A 172 -4.05 1.93 11.59
N GLY A 173 -3.52 1.27 10.56
CA GLY A 173 -2.35 1.75 9.83
C GLY A 173 -1.00 1.33 10.41
N ILE A 174 0.05 2.00 9.91
CA ILE A 174 1.42 1.58 10.14
C ILE A 174 1.80 1.71 11.60
N ARG A 175 1.15 2.60 12.36
CA ARG A 175 1.40 2.77 13.81
C ARG A 175 0.18 2.34 14.61
N SER A 176 -0.44 1.26 14.16
CA SER A 176 -1.60 0.64 14.76
C SER A 176 -1.57 0.55 16.28
N GLN A 177 -2.62 1.09 16.91
CA GLN A 177 -2.83 0.86 18.32
C GLN A 177 -3.38 -0.54 18.56
N VAL A 178 -4.17 -1.05 17.63
CA VAL A 178 -4.67 -2.44 17.79
C VAL A 178 -3.49 -3.42 17.85
N ARG A 179 -2.47 -3.18 17.02
CA ARG A 179 -1.27 -4.06 17.04
C ARG A 179 -0.59 -3.97 18.42
N ALA A 180 -0.46 -2.75 18.94
CA ALA A 180 0.12 -2.57 20.28
C ALA A 180 -0.67 -3.34 21.33
N SER A 181 -2.00 -3.29 21.21
CA SER A 181 -2.87 -4.05 22.14
C SER A 181 -2.55 -5.55 22.08
N MET A 182 -2.36 -6.08 20.88
CA MET A 182 -2.15 -7.49 20.71
C MET A 182 -0.73 -7.90 21.13
N PHE A 183 0.29 -7.12 20.71
CA PHE A 183 1.64 -7.64 20.76
C PHE A 183 2.64 -6.74 21.52
N GLY A 184 2.16 -5.59 22.04
CA GLY A 184 2.96 -4.77 22.94
C GLY A 184 3.70 -3.62 22.24
N THR A 185 4.53 -2.91 23.05
CA THR A 185 5.08 -1.61 22.69
C THR A 185 6.57 -1.54 23.03
N ASP A 186 7.19 -2.63 23.50
CA ASP A 186 8.57 -2.55 23.96
C ASP A 186 9.49 -2.52 22.75
N GLU A 187 10.79 -2.35 23.02
CA GLU A 187 11.71 -1.96 21.96
C GLU A 187 11.77 -3.03 20.89
N LEU A 188 11.48 -4.29 21.25
CA LEU A 188 11.56 -5.46 20.39
C LEU A 188 10.20 -5.93 19.85
N CYS A 189 9.14 -5.15 20.09
CA CYS A 189 7.78 -5.49 19.69
C CYS A 189 7.68 -5.49 18.17
N PRO A 190 6.67 -6.19 17.59
CA PRO A 190 6.41 -6.01 16.15
C PRO A 190 6.21 -4.53 15.89
N ARG A 191 6.80 -4.03 14.80
CA ARG A 191 6.69 -2.61 14.50
C ARG A 191 7.19 -2.39 13.08
N ALA A 192 6.83 -1.24 12.51
CA ALA A 192 7.51 -0.85 11.29
C ALA A 192 8.83 -0.16 11.62
N GLN A 193 9.80 -0.35 10.73
CA GLN A 193 11.11 0.28 10.84
C GLN A 193 11.49 0.84 9.50
N TYR A 194 12.44 1.76 9.51
CA TYR A 194 12.84 2.37 8.24
C TYR A 194 13.37 1.31 7.28
N SER A 195 12.89 1.38 6.02
CA SER A 195 13.37 0.52 4.97
C SER A 195 14.62 1.06 4.28
N HIS A 196 15.07 2.26 4.67
CA HIS A 196 16.28 2.85 4.09
C HIS A 196 16.04 3.29 2.65
N GLN A 197 14.81 3.70 2.38
CA GLN A 197 14.46 4.27 1.08
C GLN A 197 13.61 5.51 1.30
N LEU A 198 13.98 6.59 0.59
CA LEU A 198 13.31 7.87 0.64
C LEU A 198 12.64 8.12 -0.69
N GLY A 199 11.37 8.49 -0.65
CA GLY A 199 10.59 8.86 -1.81
C GLY A 199 10.55 10.36 -2.09
N TYR A 200 10.87 10.73 -3.33
CA TYR A 200 10.76 12.10 -3.82
C TYR A 200 9.84 12.04 -5.02
N ARG A 201 8.71 12.69 -4.93
CA ARG A 201 7.87 12.62 -6.16
CA ARG A 201 7.73 12.61 -6.04
C ARG A 201 7.16 14.01 -6.52
N GLY A 202 6.81 14.01 -7.79
CA GLY A 202 6.23 15.24 -8.33
C GLY A 202 5.45 14.92 -9.60
N MET A 203 4.55 15.83 -9.98
CA MET A 203 3.80 15.76 -11.22
C MET A 203 4.20 17.01 -12.01
N VAL A 204 4.41 16.84 -13.31
CA VAL A 204 4.70 18.00 -14.15
C VAL A 204 3.79 17.93 -15.37
N PRO A 205 3.45 19.08 -15.97
CA PRO A 205 2.63 19.01 -17.17
C PRO A 205 3.25 18.13 -18.22
N LEU A 206 2.45 17.24 -18.81
CA LEU A 206 2.97 16.26 -19.71
C LEU A 206 3.67 16.89 -20.92
N ALA A 207 3.10 18.01 -21.44
CA ALA A 207 3.76 18.66 -22.56
C ALA A 207 5.13 19.24 -22.21
N GLN A 208 5.31 19.67 -20.96
CA GLN A 208 6.61 20.15 -20.56
C GLN A 208 7.61 19.00 -20.49
N ALA A 209 7.17 17.85 -20.01
CA ALA A 209 8.07 16.72 -19.95
C ALA A 209 8.44 16.29 -21.35
N THR A 210 7.49 16.26 -22.27
CA THR A 210 7.78 15.92 -23.65
C THR A 210 8.75 16.92 -24.29
N ALA A 211 8.63 18.20 -23.98
CA ALA A 211 9.52 19.19 -24.56
C ALA A 211 10.98 18.94 -24.17
N VAL A 212 11.21 18.42 -22.94
CA VAL A 212 12.55 18.21 -22.42
C VAL A 212 13.05 16.82 -22.85
N LEU A 213 12.19 15.79 -22.79
CA LEU A 213 12.64 14.42 -22.93
C LEU A 213 12.39 13.88 -24.34
N GLY A 214 11.47 14.53 -25.06
CA GLY A 214 11.02 14.05 -26.34
C GLY A 214 9.86 13.08 -26.20
N PRO A 215 9.07 12.89 -27.27
CA PRO A 215 7.90 12.02 -27.23
C PRO A 215 8.16 10.54 -27.02
N GLU A 216 9.29 10.02 -27.51
CA GLU A 216 9.50 8.58 -27.37
C GLU A 216 9.63 8.23 -25.89
N LYS A 217 10.32 9.10 -25.16
CA LYS A 217 10.59 8.80 -23.76
C LYS A 217 9.46 9.21 -22.83
N THR A 218 8.44 9.92 -23.34
CA THR A 218 7.26 10.21 -22.54
C THR A 218 6.04 9.41 -23.01
N SER A 219 6.24 8.43 -23.89
CA SER A 219 5.14 7.70 -24.49
C SER A 219 4.71 6.51 -23.62
N SER A 220 5.60 6.10 -22.71
CA SER A 220 5.36 4.90 -21.94
C SER A 220 5.92 5.07 -20.54
N ALA A 221 5.50 4.20 -19.62
CA ALA A 221 6.09 4.12 -18.30
C ALA A 221 7.49 3.54 -18.41
N VAL A 222 8.41 4.18 -17.68
CA VAL A 222 9.80 3.79 -17.67
C VAL A 222 10.31 3.77 -16.23
N LEU A 223 10.96 2.64 -15.86
CA LEU A 223 11.65 2.59 -14.59
C LEU A 223 13.16 2.60 -14.87
N HIS A 224 13.84 3.62 -14.35
CA HIS A 224 15.26 3.86 -14.63
C HIS A 224 16.02 3.36 -13.41
N THR A 225 16.77 2.30 -13.60
CA THR A 225 17.54 1.65 -12.55
C THR A 225 18.92 2.30 -12.54
N GLY A 226 19.60 2.16 -11.40
CA GLY A 226 20.98 2.62 -11.32
C GLY A 226 21.47 2.55 -9.89
N PRO A 227 22.67 3.08 -9.62
CA PRO A 227 23.33 2.77 -8.36
C PRO A 227 22.81 3.60 -7.21
N GLY A 228 22.09 2.93 -6.28
CA GLY A 228 21.69 3.55 -5.03
C GLY A 228 20.37 4.31 -5.10
N ALA A 229 19.75 4.35 -6.28
CA ALA A 229 18.53 5.10 -6.48
C ALA A 229 17.86 4.62 -7.75
N PHE A 230 16.57 4.88 -7.88
CA PHE A 230 15.88 4.63 -9.13
C PHE A 230 14.75 5.64 -9.26
N VAL A 231 14.27 5.78 -10.49
CA VAL A 231 13.16 6.69 -10.74
C VAL A 231 12.22 6.09 -11.78
N LEU A 232 10.91 6.31 -11.56
CA LEU A 232 9.85 6.02 -12.50
C LEU A 232 9.39 7.33 -13.13
N THR A 233 9.29 7.31 -14.45
CA THR A 233 8.58 8.34 -15.21
C THR A 233 7.38 7.67 -15.83
N ILE A 234 6.19 8.12 -15.41
CA ILE A 234 4.94 7.52 -15.83
C ILE A 234 4.01 8.61 -16.38
N PRO A 235 3.75 8.56 -17.70
CA PRO A 235 2.80 9.51 -18.30
C PRO A 235 1.39 9.12 -17.92
N LEU A 236 0.66 9.99 -17.24
CA LEU A 236 -0.71 9.67 -16.81
C LEU A 236 -1.69 10.45 -17.68
N ALA A 237 -2.34 9.69 -18.56
CA ALA A 237 -3.03 10.30 -19.68
C ALA A 237 -4.17 11.19 -19.24
N GLU A 238 -4.96 10.71 -18.27
CA GLU A 238 -6.23 11.34 -17.97
C GLU A 238 -6.03 12.64 -17.22
N VAL A 239 -4.86 12.85 -16.63
CA VAL A 239 -4.56 14.07 -15.91
C VAL A 239 -3.50 14.91 -16.67
N HIS A 240 -3.11 14.51 -17.89
CA HIS A 240 -2.21 15.28 -18.74
C HIS A 240 -0.95 15.66 -17.97
N ALA A 241 -0.36 14.66 -17.31
CA ALA A 241 0.76 14.94 -16.43
C ALA A 241 1.78 13.82 -16.57
N MET A 242 3.04 14.14 -16.34
CA MET A 242 4.06 13.13 -16.12
C MET A 242 4.34 13.01 -14.61
N HIS A 243 4.17 11.79 -14.07
CA HIS A 243 4.50 11.54 -12.67
C HIS A 243 5.95 11.10 -12.62
N ILE A 244 6.74 11.75 -11.76
CA ILE A 244 8.12 11.41 -11.56
C ILE A 244 8.25 10.98 -10.11
N GLU A 245 8.61 9.71 -9.91
CA GLU A 245 8.68 9.11 -8.59
C GLU A 245 10.07 8.51 -8.41
N ALA A 246 10.91 9.20 -7.62
CA ALA A 246 12.27 8.75 -7.32
C ALA A 246 12.35 8.12 -5.93
N PHE A 247 13.16 7.07 -5.83
CA PHE A 247 13.50 6.51 -4.54
C PHE A 247 15.01 6.50 -4.40
N ILE A 248 15.53 7.05 -3.30
CA ILE A 248 16.94 7.12 -3.00
C ILE A 248 17.23 6.26 -1.76
N MET A 249 18.20 5.40 -1.84
CA MET A 249 18.56 4.59 -0.67
C MET A 249 19.36 5.45 0.32
N ASP A 250 19.12 5.23 1.61
CA ASP A 250 19.68 6.04 2.69
C ASP A 250 20.12 5.07 3.77
N LYS A 251 21.43 4.84 3.90
CA LYS A 251 21.96 3.96 4.92
C LYS A 251 21.74 4.48 6.35
N GLU A 252 21.50 5.77 6.54
CA GLU A 252 21.37 6.39 7.85
C GLU A 252 20.03 6.05 8.49
N GLU A 253 19.88 6.29 9.78
CA GLU A 253 18.59 6.13 10.45
C GLU A 253 17.69 7.33 10.13
N TRP A 254 16.39 7.11 10.24
CA TRP A 254 15.43 8.20 10.09
C TRP A 254 15.22 8.89 11.43
N PRO A 255 15.35 10.23 11.52
CA PRO A 255 15.20 10.90 12.82
C PRO A 255 13.82 10.65 13.39
N GLU A 256 13.73 10.35 14.69
CA GLU A 256 12.45 10.05 15.29
C GLU A 256 11.83 11.31 15.88
N VAL A 257 10.58 11.60 15.50
CA VAL A 257 9.79 12.72 15.96
C VAL A 257 8.63 12.14 16.77
N GLN A 258 8.32 12.75 17.93
CA GLN A 258 7.17 12.36 18.74
C GLN A 258 5.93 13.08 18.23
N THR A 259 5.04 12.33 17.58
CA THR A 259 3.85 12.87 16.97
C THR A 259 2.87 11.74 16.66
N SER A 260 1.59 12.05 16.71
CA SER A 260 0.59 11.08 16.30
C SER A 260 0.24 11.26 14.82
N SER A 261 0.84 12.26 14.15
CA SER A 261 0.67 12.52 12.73
C SER A 261 1.67 11.67 11.95
N ASP A 262 1.19 10.77 11.07
CA ASP A 262 2.13 10.04 10.23
C ASP A 262 2.85 10.95 9.24
N SER A 263 2.25 12.05 8.77
CA SER A 263 3.02 12.94 7.92
C SER A 263 4.21 13.49 8.70
N LYS A 264 3.95 14.00 9.91
CA LYS A 264 5.07 14.56 10.66
C LYS A 264 6.09 13.48 11.04
N ARG A 265 5.67 12.21 11.17
CA ARG A 265 6.57 11.15 11.55
C ARG A 265 7.47 10.74 10.38
N TYR A 266 6.93 10.70 9.16
CA TYR A 266 7.62 10.04 8.05
C TYR A 266 7.96 10.98 6.88
N VAL A 267 7.72 12.29 7.03
CA VAL A 267 8.03 13.24 5.98
C VAL A 267 8.90 14.36 6.53
N LEU A 268 9.84 14.81 5.72
CA LEU A 268 10.62 16.01 5.97
C LEU A 268 10.67 16.85 4.72
N PRO A 269 10.91 18.16 4.89
CA PRO A 269 11.26 19.00 3.74
C PRO A 269 12.57 18.51 3.17
N ALA A 270 12.68 18.58 1.85
CA ALA A 270 13.86 18.09 1.20
C ALA A 270 14.57 19.28 0.61
N THR A 271 15.86 19.33 0.99
CA THR A 271 16.79 20.27 0.43
C THR A 271 16.94 19.88 -1.04
N ARG A 272 16.82 20.85 -1.94
CA ARG A 272 16.74 20.55 -3.40
C ARG A 272 17.93 19.72 -3.93
N ASN A 273 19.10 19.90 -3.32
CA ASN A 273 20.29 19.25 -3.85
C ASN A 273 20.30 17.73 -3.57
N GLU A 274 19.38 17.23 -2.75
CA GLU A 274 19.46 15.83 -2.34
C GLU A 274 19.24 14.95 -3.57
N ALA A 275 18.18 15.24 -4.33
CA ALA A 275 17.90 14.44 -5.52
C ALA A 275 18.98 14.65 -6.57
N THR A 276 19.45 15.89 -6.72
CA THR A 276 20.47 16.22 -7.69
C THR A 276 21.70 15.35 -7.42
N LYS A 277 22.14 15.30 -6.18
CA LYS A 277 23.36 14.56 -5.85
C LYS A 277 23.16 13.07 -6.08
N ALA A 278 21.98 12.56 -5.71
CA ALA A 278 21.77 11.13 -5.81
C ALA A 278 21.87 10.65 -7.24
N PHE A 279 21.43 11.49 -8.18
CA PHE A 279 21.38 11.07 -9.55
C PHE A 279 22.45 11.70 -10.42
N ALA A 280 23.46 12.33 -9.81
CA ALA A 280 24.45 13.05 -10.60
C ALA A 280 25.22 12.15 -11.57
N GLU A 281 25.38 10.86 -11.25
CA GLU A 281 26.14 9.96 -12.11
C GLU A 281 25.25 9.23 -13.13
N PHE A 282 23.95 9.54 -13.15
CA PHE A 282 23.02 8.98 -14.11
C PHE A 282 23.10 9.73 -15.44
N GLY A 283 22.45 9.16 -16.45
CA GLY A 283 22.33 9.74 -17.77
C GLY A 283 21.40 10.94 -17.82
N PRO A 284 21.36 11.64 -18.97
CA PRO A 284 20.59 12.89 -19.10
C PRO A 284 19.10 12.80 -18.91
N THR A 285 18.51 11.64 -19.26
CA THR A 285 17.07 11.50 -19.08
C THR A 285 16.74 11.58 -17.58
N VAL A 286 17.49 10.83 -16.75
CA VAL A 286 17.21 10.85 -15.32
C VAL A 286 17.52 12.21 -14.72
N ARG A 287 18.69 12.80 -15.07
CA ARG A 287 19.03 14.09 -14.49
C ARG A 287 18.04 15.18 -14.92
N SER A 288 17.58 15.08 -16.17
CA SER A 288 16.56 16.00 -16.66
C SER A 288 15.24 15.85 -15.93
N ALA A 289 14.77 14.60 -15.75
CA ALA A 289 13.54 14.35 -15.01
C ALA A 289 13.58 14.88 -13.58
N VAL A 290 14.67 14.54 -12.89
CA VAL A 290 14.84 14.96 -11.51
C VAL A 290 14.89 16.48 -11.38
N SER A 291 15.46 17.15 -12.39
CA SER A 291 15.52 18.63 -12.43
C SER A 291 14.12 19.24 -12.53
N MET A 292 13.14 18.44 -12.93
CA MET A 292 11.75 18.96 -13.09
C MET A 292 11.03 18.99 -11.74
N PHE A 293 11.64 18.45 -10.69
CA PHE A 293 11.03 18.58 -9.35
C PHE A 293 11.02 20.05 -8.93
N PRO A 294 10.01 20.52 -8.17
CA PRO A 294 10.02 21.87 -7.65
C PRO A 294 11.25 22.04 -6.75
N GLU A 295 11.82 23.25 -6.71
CA GLU A 295 12.97 23.50 -5.88
C GLU A 295 12.60 23.13 -4.44
N LYS A 296 11.38 23.47 -3.99
CA LYS A 296 10.90 22.99 -2.70
C LYS A 296 10.13 21.67 -2.87
N LEU A 297 10.52 20.62 -2.12
CA LEU A 297 9.75 19.39 -2.12
C LEU A 297 9.90 18.69 -0.77
N GLU A 298 9.16 17.58 -0.62
CA GLU A 298 9.21 16.77 0.59
C GLU A 298 9.80 15.40 0.26
N LYS A 299 10.38 14.78 1.26
CA LYS A 299 10.84 13.40 1.15
C LYS A 299 10.07 12.53 2.14
N TRP A 300 9.69 11.35 1.69
CA TRP A 300 8.89 10.37 2.42
C TRP A 300 9.79 9.19 2.80
N ALA A 301 9.97 8.98 4.10
CA ALA A 301 10.73 7.87 4.60
C ALA A 301 9.83 6.65 4.68
N VAL A 302 10.17 5.66 3.85
CA VAL A 302 9.37 4.45 3.73
C VAL A 302 9.74 3.50 4.86
N PHE A 303 8.73 3.13 5.65
CA PHE A 303 8.90 2.15 6.69
C PHE A 303 8.20 0.86 6.30
N ASP A 304 8.71 -0.28 6.80
CA ASP A 304 8.05 -1.54 6.52
C ASP A 304 8.19 -2.47 7.73
N MET A 305 7.54 -3.64 7.66
CA MET A 305 7.51 -4.55 8.79
C MET A 305 8.35 -5.76 8.49
N LEU A 306 9.39 -5.63 7.69
CA LEU A 306 10.24 -6.77 7.33
C LEU A 306 10.97 -7.33 8.54
N GLU A 307 11.56 -6.44 9.37
CA GLU A 307 12.50 -6.91 10.39
C GLU A 307 11.79 -7.40 11.63
N ALA A 308 10.65 -6.82 11.97
CA ALA A 308 9.94 -7.08 13.21
C ALA A 308 8.47 -7.32 12.86
N PRO A 309 8.19 -8.42 12.13
CA PRO A 309 6.84 -8.70 11.73
C PRO A 309 5.97 -9.13 12.89
N VAL A 310 4.64 -8.99 12.75
CA VAL A 310 3.76 -9.61 13.72
C VAL A 310 3.82 -11.12 13.53
N PRO A 311 3.56 -11.91 14.59
CA PRO A 311 3.66 -13.34 14.45
C PRO A 311 2.47 -14.03 13.83
N THR A 312 1.36 -13.29 13.82
CA THR A 312 0.06 -13.72 13.32
C THR A 312 -0.75 -12.43 13.18
N PHE A 313 -1.79 -12.50 12.36
CA PHE A 313 -2.71 -11.40 12.21
C PHE A 313 -3.91 -11.46 13.17
N ALA A 314 -4.03 -12.51 13.98
CA ALA A 314 -5.22 -12.63 14.82
C ALA A 314 -4.83 -13.08 16.23
N LYS A 315 -5.53 -12.55 17.22
CA LYS A 315 -5.44 -13.00 18.62
C LYS A 315 -6.80 -12.77 19.27
N GLY A 316 -7.40 -13.88 19.72
CA GLY A 316 -8.73 -13.76 20.28
C GLY A 316 -9.67 -13.10 19.29
N ARG A 317 -10.46 -12.17 19.80
CA ARG A 317 -11.46 -11.48 19.02
C ARG A 317 -10.90 -10.29 18.23
N VAL A 318 -9.58 -10.19 18.13
CA VAL A 318 -8.91 -9.03 17.55
C VAL A 318 -8.01 -9.49 16.39
N CYS A 319 -7.99 -8.68 15.32
CA CYS A 319 -7.09 -8.94 14.22
C CYS A 319 -6.61 -7.65 13.60
N LEU A 320 -5.62 -7.80 12.69
CA LEU A 320 -5.00 -6.71 11.95
C LEU A 320 -5.22 -6.92 10.46
N ALA A 321 -5.33 -5.80 9.74
CA ALA A 321 -5.43 -5.79 8.28
C ALA A 321 -4.67 -4.60 7.78
N GLY A 322 -4.26 -4.68 6.52
CA GLY A 322 -3.64 -3.52 5.90
C GLY A 322 -2.26 -3.23 6.48
N ASP A 323 -1.89 -1.95 6.54
CA ASP A 323 -0.56 -1.57 6.98
C ASP A 323 -0.34 -1.89 8.46
N ALA A 324 -1.43 -2.02 9.24
CA ALA A 324 -1.26 -2.48 10.62
C ALA A 324 -0.65 -3.87 10.69
N ALA A 325 -0.98 -4.73 9.73
CA ALA A 325 -0.57 -6.12 9.66
C ALA A 325 0.74 -6.28 8.91
N HIS A 326 0.92 -5.54 7.81
CA HIS A 326 2.08 -5.83 6.91
C HIS A 326 2.53 -4.65 6.07
N ALA A 327 2.75 -3.51 6.71
CA ALA A 327 3.25 -2.34 6.04
C ALA A 327 4.43 -2.72 5.17
N SER A 328 4.41 -2.28 3.90
CA SER A 328 5.39 -2.71 2.90
C SER A 328 5.98 -1.49 2.17
N THR A 329 7.15 -1.65 1.59
CA THR A 329 7.64 -0.69 0.59
C THR A 329 6.70 -0.77 -0.59
N PRO A 330 6.60 0.30 -1.37
CA PRO A 330 5.73 0.32 -2.56
C PRO A 330 6.36 -0.08 -3.87
N ASN A 331 7.45 -0.84 -3.83
CA ASN A 331 8.27 -1.11 -5.00
C ASN A 331 7.59 -2.04 -5.99
N GLN A 332 6.55 -2.77 -5.59
CA GLN A 332 5.76 -3.56 -6.52
C GLN A 332 4.33 -3.10 -6.61
N GLY A 333 4.07 -1.86 -6.24
CA GLY A 333 2.72 -1.37 -6.17
C GLY A 333 2.41 -0.99 -4.74
N GLY A 334 1.39 -0.18 -4.56
CA GLY A 334 1.08 0.24 -3.21
C GLY A 334 0.69 -0.98 -2.35
N GLY A 335 1.25 -1.03 -1.15
CA GLY A 335 0.89 -2.04 -0.18
C GLY A 335 -0.59 -2.00 0.21
N ALA A 336 -1.23 -0.87 -0.03
CA ALA A 336 -2.66 -0.77 0.15
C ALA A 336 -3.40 -1.88 -0.60
N GLY A 337 -2.90 -2.32 -1.76
CA GLY A 337 -3.53 -3.40 -2.51
C GLY A 337 -3.79 -4.65 -1.67
N PHE A 338 -2.83 -4.96 -0.80
CA PHE A 338 -2.95 -6.13 0.08
C PHE A 338 -3.93 -5.89 1.22
N GLY A 339 -4.12 -4.63 1.64
CA GLY A 339 -5.22 -4.29 2.53
C GLY A 339 -6.58 -4.63 1.89
N ILE A 340 -6.69 -4.47 0.56
CA ILE A 340 -7.93 -4.80 -0.13
C ILE A 340 -8.11 -6.32 -0.18
N GLU A 341 -7.01 -7.07 -0.47
CA GLU A 341 -7.06 -8.53 -0.39
C GLU A 341 -7.47 -8.99 1.01
N ASP A 342 -6.89 -8.36 2.06
CA ASP A 342 -7.23 -8.70 3.44
C ASP A 342 -8.73 -8.48 3.68
N ALA A 343 -9.20 -7.33 3.23
CA ALA A 343 -10.59 -6.93 3.38
C ALA A 343 -11.54 -7.93 2.75
N LEU A 344 -11.17 -8.45 1.59
CA LEU A 344 -12.01 -9.43 0.88
C LEU A 344 -12.17 -10.69 1.74
N VAL A 345 -11.05 -11.23 2.23
CA VAL A 345 -11.10 -12.45 3.03
C VAL A 345 -11.95 -12.19 4.27
N LEU A 346 -11.70 -11.07 4.97
CA LEU A 346 -12.49 -10.79 6.15
C LEU A 346 -13.99 -10.64 5.83
N ALA A 347 -14.32 -9.99 4.74
CA ALA A 347 -15.72 -9.80 4.39
C ALA A 347 -16.40 -11.15 4.21
N GLU A 348 -15.72 -12.08 3.51
CA GLU A 348 -16.31 -13.38 3.22
C GLU A 348 -16.46 -14.23 4.49
N VAL A 349 -15.42 -14.28 5.33
CA VAL A 349 -15.49 -15.06 6.55
C VAL A 349 -16.51 -14.44 7.51
N LEU A 350 -16.48 -13.12 7.72
CA LEU A 350 -17.39 -12.50 8.66
C LEU A 350 -18.84 -12.66 8.21
N ALA A 351 -19.11 -12.70 6.89
CA ALA A 351 -20.48 -12.96 6.40
C ALA A 351 -20.98 -14.31 6.89
N VAL A 352 -20.11 -15.31 6.96
CA VAL A 352 -20.50 -16.63 7.46
C VAL A 352 -20.90 -16.51 8.93
N LEU A 353 -20.14 -15.78 9.74
CA LEU A 353 -20.50 -15.62 11.15
C LEU A 353 -21.79 -14.82 11.33
N ALA A 354 -22.00 -13.77 10.54
CA ALA A 354 -23.15 -12.89 10.66
C ALA A 354 -24.46 -13.64 10.42
N GLU A 355 -24.38 -14.80 9.76
CA GLU A 355 -25.54 -15.58 9.40
C GLU A 355 -25.88 -16.63 10.45
N ALA A 356 -24.92 -16.97 11.31
CA ALA A 356 -25.04 -18.06 12.27
C ALA A 356 -25.95 -17.60 13.40
N PRO A 357 -26.82 -18.49 13.97
CA PRO A 357 -27.70 -18.10 15.08
C PRO A 357 -26.95 -17.50 16.26
N ASN A 358 -25.88 -18.17 16.68
CA ASN A 358 -25.03 -17.68 17.75
C ASN A 358 -23.57 -17.85 17.34
N VAL A 359 -22.77 -16.87 17.77
CA VAL A 359 -21.34 -16.93 17.57
C VAL A 359 -20.67 -16.79 18.94
N SER A 360 -20.07 -17.90 19.42
CA SER A 360 -19.29 -17.89 20.65
C SER A 360 -17.99 -17.09 20.42
N GLY A 361 -17.34 -16.67 21.51
CA GLY A 361 -16.02 -16.11 21.43
C GLY A 361 -15.05 -17.06 20.75
N ILE A 362 -15.24 -18.38 20.96
CA ILE A 362 -14.35 -19.37 20.37
C ILE A 362 -14.51 -19.33 18.85
N VAL A 363 -15.75 -19.24 18.36
CA VAL A 363 -16.02 -19.32 16.94
C VAL A 363 -15.54 -18.02 16.29
N ALA A 364 -15.76 -16.88 16.94
CA ALA A 364 -15.27 -15.59 16.47
C ALA A 364 -13.74 -15.67 16.34
N SER A 365 -13.06 -16.11 17.38
CA SER A 365 -11.61 -16.16 17.40
C SER A 365 -11.10 -17.09 16.32
N GLU A 366 -11.76 -18.23 16.14
CA GLU A 366 -11.31 -19.18 15.14
C GLU A 366 -11.50 -18.55 13.76
N ALA A 367 -12.55 -17.76 13.55
CA ALA A 367 -12.78 -17.13 12.27
C ALA A 367 -11.61 -16.22 11.91
N LEU A 368 -11.16 -15.43 12.87
CA LEU A 368 -10.09 -14.48 12.61
C LEU A 368 -8.78 -15.20 12.36
N ALA A 369 -8.59 -16.33 13.03
CA ALA A 369 -7.44 -17.18 12.86
C ALA A 369 -7.40 -17.76 11.46
N VAL A 370 -8.57 -18.11 10.91
CA VAL A 370 -8.67 -18.57 9.54
C VAL A 370 -8.22 -17.44 8.58
N TYR A 371 -8.74 -16.23 8.79
CA TYR A 371 -8.31 -15.08 8.02
C TYR A 371 -6.78 -15.04 8.02
N SER A 372 -6.17 -15.11 9.18
CA SER A 372 -4.71 -15.03 9.26
C SER A 372 -4.07 -16.18 8.51
N GLU A 373 -4.52 -17.42 8.73
CA GLU A 373 -3.98 -18.55 8.00
C GLU A 373 -3.98 -18.32 6.48
N VAL A 374 -5.02 -17.71 5.97
CA VAL A 374 -5.12 -17.52 4.49
C VAL A 374 -4.19 -16.39 4.01
N ARG A 375 -4.04 -15.33 4.80
CA ARG A 375 -3.32 -14.12 4.32
C ARG A 375 -1.87 -13.97 4.81
N TYR A 376 -1.48 -14.67 5.87
CA TYR A 376 -0.16 -14.39 6.51
C TYR A 376 1.03 -14.58 5.57
N GLU A 377 1.17 -15.76 5.01
CA GLU A 377 2.36 -16.05 4.21
C GLU A 377 2.52 -15.14 3.00
N ARG A 378 1.43 -14.99 2.25
CA ARG A 378 1.45 -14.09 1.11
C ARG A 378 1.80 -12.68 1.53
N SER A 379 1.21 -12.22 2.62
CA SER A 379 1.45 -10.86 3.09
C SER A 379 2.91 -10.66 3.45
N GLN A 380 3.51 -11.62 4.18
CA GLN A 380 4.92 -11.55 4.49
C GLN A 380 5.81 -11.61 3.25
N TRP A 381 5.37 -12.38 2.26
CA TRP A 381 6.10 -12.48 1.03
C TRP A 381 6.18 -11.12 0.35
N LEU A 382 5.06 -10.39 0.27
CA LEU A 382 5.07 -9.09 -0.37
C LEU A 382 6.05 -8.15 0.30
N VAL A 383 6.02 -8.13 1.64
CA VAL A 383 6.91 -7.19 2.34
C VAL A 383 8.35 -7.47 1.93
N ARG A 384 8.74 -8.76 1.90
CA ARG A 384 10.10 -9.13 1.54
C ARG A 384 10.39 -8.97 0.05
N SER A 385 9.44 -9.38 -0.79
CA SER A 385 9.66 -9.27 -2.23
C SER A 385 9.79 -7.81 -2.63
N SER A 386 8.94 -6.97 -2.09
CA SER A 386 9.01 -5.52 -2.42
CA SER A 386 9.01 -5.52 -2.42
C SER A 386 10.36 -4.83 -2.03
N ARG A 387 10.84 -5.26 -0.86
CA ARG A 387 12.15 -4.75 -0.42
C ARG A 387 13.24 -5.24 -1.39
N ARG A 388 13.15 -6.51 -1.78
CA ARG A 388 14.12 -7.06 -2.74
C ARG A 388 14.03 -6.30 -4.07
N THR A 389 12.81 -6.00 -4.50
CA THR A 389 12.66 -5.28 -5.75
C THR A 389 13.45 -3.98 -5.68
N GLY A 390 13.38 -3.27 -4.55
CA GLY A 390 14.11 -2.03 -4.40
C GLY A 390 15.62 -2.24 -4.55
N GLU A 391 16.09 -3.34 -3.94
CA GLU A 391 17.50 -3.73 -4.01
C GLU A 391 17.94 -4.00 -5.44
N LEU A 392 17.10 -4.64 -6.24
CA LEU A 392 17.41 -4.93 -7.63
C LEU A 392 17.49 -3.62 -8.40
N CYS A 393 16.47 -2.79 -8.22
CA CYS A 393 16.38 -1.56 -9.01
C CYS A 393 17.45 -0.51 -8.69
N THR A 394 18.10 -0.64 -7.50
CA THR A 394 19.16 0.24 -7.05
C THR A 394 20.54 -0.43 -7.10
N TRP A 395 20.58 -1.58 -7.76
CA TRP A 395 21.86 -2.25 -8.04
C TRP A 395 22.63 -2.47 -6.75
N LYS A 396 21.93 -2.94 -5.72
CA LYS A 396 22.55 -3.06 -4.41
C LYS A 396 23.67 -4.11 -4.43
N ASP A 397 23.40 -5.29 -4.96
CA ASP A 397 24.31 -6.43 -4.87
C ASP A 397 25.20 -6.58 -6.10
N ARG A 398 24.68 -6.09 -7.23
CA ARG A 398 25.24 -6.31 -8.55
C ARG A 398 24.80 -5.18 -9.46
N ASP A 399 25.61 -4.93 -10.50
CA ASP A 399 25.25 -3.96 -11.52
C ASP A 399 24.32 -4.66 -12.48
N TRP A 400 22.98 -4.45 -12.32
CA TRP A 400 22.03 -5.17 -13.16
C TRP A 400 21.92 -4.55 -14.54
N GLY A 401 22.44 -3.34 -14.71
CA GLY A 401 22.56 -2.77 -16.04
C GLY A 401 23.34 -3.72 -16.94
N LEU A 402 24.27 -4.48 -16.37
CA LEU A 402 25.15 -5.37 -17.12
C LEU A 402 24.68 -6.81 -17.04
N ALA A 403 23.49 -7.07 -16.49
CA ALA A 403 22.91 -8.41 -16.44
C ALA A 403 21.39 -8.29 -16.63
N ALA A 404 21.00 -7.77 -17.78
CA ALA A 404 19.62 -7.48 -18.07
C ALA A 404 18.73 -8.72 -18.05
N GLU A 405 19.20 -9.83 -18.60
CA GLU A 405 18.40 -11.02 -18.78
C GLU A 405 18.08 -11.63 -17.42
N GLU A 406 19.09 -11.67 -16.56
CA GLU A 406 18.92 -12.14 -15.19
C GLU A 406 17.92 -11.27 -14.46
N LEU A 407 18.11 -9.95 -14.57
CA LEU A 407 17.23 -9.03 -13.89
C LEU A 407 15.79 -9.32 -14.35
N SER A 408 15.61 -9.42 -15.66
CA SER A 408 14.30 -9.59 -16.25
C SER A 408 13.60 -10.84 -15.68
N ARG A 409 14.29 -11.96 -15.55
CA ARG A 409 13.71 -13.20 -15.07
C ARG A 409 13.24 -13.03 -13.61
N ASP A 410 14.03 -12.32 -12.82
CA ASP A 410 13.73 -12.11 -11.41
C ASP A 410 12.48 -11.21 -11.26
N ILE A 411 12.48 -10.04 -11.89
CA ILE A 411 11.36 -9.13 -11.77
C ILE A 411 10.09 -9.74 -12.35
N ILE A 412 10.17 -10.42 -13.51
CA ILE A 412 8.97 -10.96 -14.13
C ILE A 412 8.35 -12.01 -13.22
N SER A 413 9.18 -12.88 -12.65
CA SER A 413 8.69 -13.96 -11.73
C SER A 413 7.96 -13.38 -10.51
N ARG A 414 8.60 -12.45 -9.81
CA ARG A 414 7.96 -11.91 -8.59
C ARG A 414 6.70 -11.10 -8.96
N SER A 415 6.74 -10.44 -10.11
CA SER A 415 5.55 -9.69 -10.57
C SER A 415 4.39 -10.67 -10.83
N HIS A 416 4.68 -11.79 -11.47
CA HIS A 416 3.66 -12.77 -11.73
C HIS A 416 3.04 -13.31 -10.45
N GLN A 417 3.85 -13.61 -9.45
CA GLN A 417 3.33 -14.18 -8.19
C GLN A 417 2.41 -13.18 -7.50
N LEU A 418 2.76 -11.91 -7.63
CA LEU A 418 1.95 -10.87 -6.97
C LEU A 418 0.69 -10.58 -7.79
N TRP A 419 0.88 -10.26 -9.07
CA TRP A 419 -0.24 -9.69 -9.84
C TRP A 419 -1.23 -10.73 -10.38
N ASP A 420 -0.82 -11.98 -10.58
CA ASP A 420 -1.70 -12.98 -11.24
C ASP A 420 -2.26 -13.96 -10.21
N HIS A 421 -2.29 -13.55 -8.94
CA HIS A 421 -2.80 -14.32 -7.84
C HIS A 421 -4.27 -14.73 -8.06
N ASP A 422 -4.62 -15.94 -7.60
CA ASP A 422 -5.97 -16.50 -7.74
C ASP A 422 -6.87 -15.88 -6.65
N THR A 423 -7.46 -14.74 -6.97
CA THR A 423 -8.29 -14.03 -6.00
C THR A 423 -9.47 -14.89 -5.56
N ALA A 424 -10.18 -15.49 -6.53
CA ALA A 424 -11.36 -16.27 -6.22
C ALA A 424 -11.03 -17.52 -5.41
N GLY A 425 -9.93 -18.18 -5.76
CA GLY A 425 -9.44 -19.32 -5.02
C GLY A 425 -9.10 -19.01 -3.57
N MET A 426 -8.59 -17.79 -3.34
CA MET A 426 -8.30 -17.36 -2.00
C MET A 426 -9.59 -17.37 -1.19
N VAL A 427 -10.67 -16.85 -1.77
CA VAL A 427 -11.95 -16.80 -1.05
C VAL A 427 -12.46 -18.21 -0.74
N SER A 428 -12.49 -19.09 -1.77
CA SER A 428 -12.96 -20.45 -1.50
C SER A 428 -12.06 -21.24 -0.53
N ASP A 429 -10.76 -20.96 -0.52
CA ASP A 429 -9.85 -21.53 0.44
C ASP A 429 -10.24 -21.11 1.85
N ALA A 430 -10.49 -19.81 2.00
CA ALA A 430 -10.91 -19.30 3.28
C ALA A 430 -12.17 -19.98 3.76
N LEU A 431 -13.15 -20.11 2.89
CA LEU A 431 -14.42 -20.66 3.33
C LEU A 431 -14.31 -22.14 3.63
N ALA A 432 -13.38 -22.84 2.94
CA ALA A 432 -13.13 -24.24 3.21
C ALA A 432 -12.53 -24.41 4.60
N ILE A 433 -11.49 -23.62 4.90
CA ILE A 433 -10.79 -23.74 6.16
C ILE A 433 -11.73 -23.31 7.29
N LEU A 434 -12.56 -22.31 7.05
CA LEU A 434 -13.48 -21.84 8.07
C LEU A 434 -14.34 -23.05 8.47
N GLY A 435 -14.84 -23.75 7.46
CA GLY A 435 -15.62 -24.96 7.70
C GLY A 435 -14.90 -25.88 8.67
N GLU A 436 -13.68 -26.29 8.32
CA GLU A 436 -12.88 -27.17 9.16
C GLU A 436 -13.01 -26.67 10.60
N ARG A 437 -12.53 -25.45 10.84
CA ARG A 437 -12.57 -24.83 12.16
C ARG A 437 -14.05 -24.47 12.41
#